data_6UPD
#
_entry.id   6UPD
#
_cell.length_a   46.767
_cell.length_b   52.955
_cell.length_c   108.762
_cell.angle_alpha   90.000
_cell.angle_beta   100.610
_cell.angle_gamma   90.000
#
_symmetry.space_group_name_H-M   'P 1 21 1'
#
loop_
_entity.id
_entity.type
_entity.pdbx_description
1 polymer 'Trehalose-phosphate phosphatase'
2 branched alpha-D-glucopyranose-(1-1)-alpha-D-glucopyranose
3 non-polymer 'MAGNESIUM ION'
4 non-polymer 'CHLORIDE ION'
5 water water
#
_entity_poly.entity_id   1
_entity_poly.type   'polypeptide(L)'
_entity_poly.pdbx_seq_one_letter_code
;MAEPLTVSPELTANYAYFFDLDGTLAEIKPHPDQVVVPHKILQLLDRLAAHNAGALALISGRSMTELDALAKPFRFPLAG
VHGAERRDINGKTHIVRLPEAVVREVEALLRSTLVALPGTELESKGMAFALHYRQAPEHEAALLALAQHVTQHWPQLALQ
LGKCVVEIKPKGTNKGEAIAAFMQEAPFAGRIPVFVGDDLTDEAGFGVVNHAGGISVKVGVGATQAAWRLESVPDVWRWL
EQINYPQQEQQVMNNRRDGYESFSRSI
;
_entity_poly.pdbx_strand_id   A,B
#
loop_
_chem_comp.id
_chem_comp.type
_chem_comp.name
_chem_comp.formula
CL non-polymer 'CHLORIDE ION' 'Cl -1'
GLC D-saccharide, alpha linking alpha-D-glucopyranose 'C6 H12 O6'
MG non-polymer 'MAGNESIUM ION' 'Mg 2'
#
# COMPACT_ATOMS: atom_id res chain seq x y z
N MET A 1 10.99 38.80 8.39
CA MET A 1 11.36 38.19 9.67
C MET A 1 11.52 36.68 9.52
N ALA A 2 10.62 36.06 8.77
CA ALA A 2 10.73 34.63 8.50
C ALA A 2 11.76 34.39 7.40
N GLU A 3 12.55 33.34 7.57
CA GLU A 3 13.57 33.16 6.55
C GLU A 3 13.16 32.10 5.54
N PRO A 4 13.61 32.23 4.28
CA PRO A 4 13.19 31.26 3.26
C PRO A 4 13.65 29.85 3.59
N LEU A 5 12.76 28.89 3.39
CA LEU A 5 13.05 27.48 3.62
C LEU A 5 13.71 26.91 2.37
N THR A 6 15.00 26.59 2.46
CA THR A 6 15.75 26.05 1.35
C THR A 6 16.33 24.66 1.65
N VAL A 7 16.15 24.15 2.86
CA VAL A 7 16.63 22.83 3.24
C VAL A 7 15.43 21.95 3.54
N SER A 8 15.56 20.66 3.23
CA SER A 8 14.52 19.66 3.42
C SER A 8 15.03 18.54 4.33
N PRO A 9 14.30 18.20 5.39
CA PRO A 9 14.80 17.19 6.33
C PRO A 9 15.03 15.86 5.66
N GLU A 10 15.86 15.03 6.31
CA GLU A 10 16.03 13.66 5.88
C GLU A 10 14.71 12.90 6.00
N LEU A 11 14.53 11.91 5.13
CA LEU A 11 13.26 11.20 5.08
C LEU A 11 12.99 10.46 6.38
N THR A 12 14.01 9.79 6.93
CA THR A 12 13.87 9.03 8.17
C THR A 12 14.63 9.74 9.28
N ALA A 13 14.09 10.87 9.71
CA ALA A 13 14.58 11.61 10.86
C ALA A 13 13.60 11.44 12.02
N ASN A 14 13.73 12.29 13.04
CA ASN A 14 12.86 12.21 14.20
C ASN A 14 11.83 13.34 14.20
N TYR A 15 11.10 13.49 13.09
CA TYR A 15 10.14 14.58 12.93
C TYR A 15 8.72 14.04 12.94
N ALA A 16 7.81 14.86 13.43
CA ALA A 16 6.37 14.65 13.32
C ALA A 16 5.80 15.76 12.47
N TYR A 17 5.04 15.40 11.44
CA TYR A 17 4.62 16.34 10.40
C TYR A 17 3.15 16.70 10.55
N PHE A 18 2.85 17.98 10.37
CA PHE A 18 1.49 18.50 10.38
C PHE A 18 1.33 19.42 9.18
N PHE A 19 0.31 19.17 8.36
CA PHE A 19 0.09 19.93 7.14
C PHE A 19 -1.33 20.49 7.15
N ASP A 20 -1.44 21.77 6.81
CA ASP A 20 -2.72 22.31 6.39
C ASP A 20 -3.02 21.85 4.97
N LEU A 21 -4.29 21.96 4.56
CA LEU A 21 -4.65 21.52 3.22
C LEU A 21 -4.83 22.69 2.26
N ASP A 22 -5.94 23.43 2.40
CA ASP A 22 -6.27 24.49 1.46
C ASP A 22 -5.22 25.61 1.54
N GLY A 23 -4.53 25.86 0.42
CA GLY A 23 -3.50 26.87 0.38
C GLY A 23 -2.13 26.38 0.81
N THR A 24 -2.01 25.12 1.21
CA THR A 24 -0.73 24.55 1.63
C THR A 24 -0.39 23.31 0.83
N LEU A 25 -1.26 22.30 0.82
CA LEU A 25 -1.08 21.11 0.00
C LEU A 25 -1.84 21.17 -1.32
N ALA A 26 -2.87 22.00 -1.40
CA ALA A 26 -3.65 22.18 -2.63
C ALA A 26 -3.83 23.66 -2.89
N GLU A 27 -3.79 24.03 -4.16
CA GLU A 27 -3.89 25.44 -4.53
C GLU A 27 -5.28 25.97 -4.28
N ILE A 28 -5.36 27.27 -3.93
CA ILE A 28 -6.64 27.91 -3.69
C ILE A 28 -7.46 27.93 -4.97
N LYS A 29 -8.76 27.65 -4.83
CA LYS A 29 -9.70 27.63 -5.93
C LYS A 29 -10.86 28.58 -5.65
N PRO A 30 -11.57 29.04 -6.68
CA PRO A 30 -12.74 29.88 -6.44
C PRO A 30 -13.84 29.17 -5.68
N HIS A 31 -13.86 27.84 -5.68
CA HIS A 31 -14.90 27.06 -5.02
C HIS A 31 -14.26 25.86 -4.33
N PRO A 32 -14.73 25.51 -3.13
CA PRO A 32 -14.10 24.40 -2.39
C PRO A 32 -14.16 23.06 -3.09
N ASP A 33 -15.20 22.80 -3.90
CA ASP A 33 -15.32 21.52 -4.56
C ASP A 33 -14.31 21.35 -5.69
N GLN A 34 -13.72 22.44 -6.18
CA GLN A 34 -12.73 22.36 -7.24
C GLN A 34 -11.34 22.00 -6.74
N VAL A 35 -11.15 21.91 -5.42
CA VAL A 35 -9.83 21.69 -4.87
C VAL A 35 -9.42 20.23 -5.06
N VAL A 36 -8.16 20.02 -5.46
CA VAL A 36 -7.61 18.69 -5.68
C VAL A 36 -6.18 18.66 -5.13
N VAL A 37 -5.87 17.62 -4.37
CA VAL A 37 -4.48 17.31 -4.03
C VAL A 37 -3.98 16.31 -5.06
N PRO A 38 -2.94 16.65 -5.84
CA PRO A 38 -2.47 15.73 -6.88
C PRO A 38 -2.06 14.38 -6.29
N HIS A 39 -2.33 13.32 -7.04
CA HIS A 39 -2.13 11.96 -6.53
C HIS A 39 -0.68 11.71 -6.15
N LYS A 40 0.27 12.28 -6.89
CA LYS A 40 1.68 12.09 -6.54
C LYS A 40 2.01 12.77 -5.22
N ILE A 41 1.39 13.91 -4.93
CA ILE A 41 1.60 14.58 -3.64
C ILE A 41 1.06 13.71 -2.51
N LEU A 42 -0.10 13.07 -2.72
CA LEU A 42 -0.65 12.16 -1.72
C LEU A 42 0.27 10.96 -1.51
N GLN A 43 0.85 10.43 -2.59
CA GLN A 43 1.80 9.32 -2.46
C GLN A 43 3.03 9.75 -1.67
N LEU A 44 3.54 10.95 -1.94
CA LEU A 44 4.71 11.43 -1.20
C LEU A 44 4.38 11.62 0.29
N LEU A 45 3.17 12.12 0.58
CA LEU A 45 2.76 12.26 1.98
C LEU A 45 2.67 10.91 2.66
N ASP A 46 2.10 9.92 1.97
CA ASP A 46 2.00 8.58 2.54
C ASP A 46 3.37 7.98 2.80
N ARG A 47 4.32 8.18 1.88
CA ARG A 47 5.66 7.66 2.07
C ARG A 47 6.36 8.35 3.23
N LEU A 48 6.20 9.67 3.35
CA LEU A 48 6.78 10.39 4.47
C LEU A 48 6.24 9.88 5.80
N ALA A 49 4.91 9.77 5.91
CA ALA A 49 4.30 9.22 7.11
C ALA A 49 4.82 7.81 7.40
N ALA A 50 4.94 6.98 6.36
CA ALA A 50 5.40 5.61 6.57
C ALA A 50 6.82 5.57 7.12
N HIS A 51 7.71 6.41 6.58
CA HIS A 51 9.08 6.43 7.07
C HIS A 51 9.23 7.19 8.38
N ASN A 52 8.17 7.84 8.87
CA ASN A 52 8.24 8.46 10.19
C ASN A 52 7.21 7.87 11.13
N ALA A 53 7.09 6.54 11.13
CA ALA A 53 6.24 5.80 12.06
C ALA A 53 4.78 6.20 12.00
N GLY A 54 4.34 6.79 10.89
CA GLY A 54 2.97 7.25 10.77
C GLY A 54 2.67 8.58 11.42
N ALA A 55 3.70 9.31 11.86
CA ALA A 55 3.49 10.58 12.55
C ALA A 55 3.35 11.71 11.53
N LEU A 56 2.20 11.70 10.84
CA LEU A 56 1.84 12.75 9.90
C LEU A 56 0.34 12.96 9.97
N ALA A 57 -0.08 14.20 10.20
CA ALA A 57 -1.49 14.53 10.36
C ALA A 57 -1.86 15.69 9.44
N LEU A 58 -3.13 15.73 9.06
CA LEU A 58 -3.69 16.83 8.28
C LEU A 58 -4.52 17.71 9.22
N ILE A 59 -4.07 18.94 9.43
CA ILE A 59 -4.73 19.88 10.34
C ILE A 59 -5.37 20.97 9.49
N SER A 60 -6.70 20.95 9.39
CA SER A 60 -7.40 21.79 8.44
C SER A 60 -8.71 22.30 9.04
N GLY A 61 -9.25 23.36 8.41
CA GLY A 61 -10.56 23.84 8.74
C GLY A 61 -11.70 23.07 8.11
N ARG A 62 -11.39 22.17 7.19
CA ARG A 62 -12.42 21.34 6.56
C ARG A 62 -12.94 20.30 7.54
N SER A 63 -14.13 19.79 7.24
CA SER A 63 -14.64 18.64 7.98
C SER A 63 -13.84 17.40 7.61
N MET A 64 -13.81 16.43 8.54
CA MET A 64 -12.99 15.24 8.32
C MET A 64 -13.46 14.42 7.13
N THR A 65 -14.76 14.45 6.83
CA THR A 65 -15.26 13.73 5.66
C THR A 65 -14.69 14.31 4.37
N GLU A 66 -14.64 15.64 4.27
CA GLU A 66 -14.07 16.27 3.09
C GLU A 66 -12.57 16.05 3.00
N LEU A 67 -11.89 15.99 4.15
CA LEU A 67 -10.47 15.63 4.15
C LEU A 67 -10.26 14.22 3.64
N ASP A 68 -11.14 13.28 4.04
CA ASP A 68 -11.05 11.92 3.54
C ASP A 68 -11.31 11.87 2.04
N ALA A 69 -12.26 12.68 1.56
CA ALA A 69 -12.53 12.73 0.12
C ALA A 69 -11.34 13.30 -0.63
N LEU A 70 -10.66 14.29 -0.04
CA LEU A 70 -9.53 14.93 -0.71
C LEU A 70 -8.28 14.06 -0.72
N ALA A 71 -8.08 13.26 0.32
CA ALA A 71 -6.89 12.42 0.45
C ALA A 71 -7.14 10.97 0.02
N LYS A 72 -8.29 10.69 -0.59
CA LYS A 72 -8.60 9.33 -1.00
C LYS A 72 -7.57 8.84 -2.01
N PRO A 73 -7.11 7.58 -1.91
CA PRO A 73 -7.59 6.55 -0.99
C PRO A 73 -6.88 6.50 0.37
N PHE A 74 -6.03 7.47 0.65
CA PHE A 74 -5.25 7.44 1.88
C PHE A 74 -6.05 7.95 3.06
N ARG A 75 -5.77 7.38 4.23
CA ARG A 75 -6.45 7.73 5.48
C ARG A 75 -5.40 8.15 6.50
N PHE A 76 -5.16 9.46 6.61
CA PHE A 76 -4.21 10.02 7.56
C PHE A 76 -4.89 10.35 8.87
N PRO A 77 -4.13 10.50 9.95
CA PRO A 77 -4.66 11.17 11.14
C PRO A 77 -5.10 12.58 10.80
N LEU A 78 -6.18 13.03 11.43
CA LEU A 78 -6.84 14.25 10.99
C LEU A 78 -7.19 15.16 12.16
N ALA A 79 -7.23 16.45 11.87
CA ALA A 79 -7.88 17.44 12.72
C ALA A 79 -8.66 18.36 11.81
N GLY A 80 -9.99 18.35 11.94
CA GLY A 80 -10.86 19.15 11.12
C GLY A 80 -11.61 20.18 11.94
N VAL A 81 -12.21 21.12 11.22
CA VAL A 81 -12.94 22.25 11.83
C VAL A 81 -12.02 22.93 12.82
N HIS A 82 -10.78 23.20 12.40
CA HIS A 82 -9.78 23.90 13.20
C HIS A 82 -9.48 23.20 14.52
N GLY A 83 -9.80 21.91 14.63
CA GLY A 83 -9.55 21.15 15.84
C GLY A 83 -10.79 20.64 16.54
N ALA A 84 -11.98 21.11 16.16
CA ALA A 84 -13.21 20.63 16.79
C ALA A 84 -13.48 19.17 16.45
N GLU A 85 -12.93 18.66 15.36
CA GLU A 85 -12.95 17.24 15.04
C GLU A 85 -11.52 16.73 15.01
N ARG A 86 -11.31 15.50 15.46
CA ARG A 86 -9.98 14.90 15.38
C ARG A 86 -10.11 13.40 15.23
N ARG A 87 -9.12 12.80 14.58
CA ARG A 87 -9.02 11.34 14.44
C ARG A 87 -7.56 10.96 14.62
N ASP A 88 -7.27 10.13 15.62
CA ASP A 88 -5.91 9.78 15.99
C ASP A 88 -5.43 8.58 15.15
N ILE A 89 -4.29 8.02 15.53
CA ILE A 89 -3.67 6.95 14.74
C ILE A 89 -4.51 5.69 14.78
N ASN A 90 -5.27 5.47 15.85
CA ASN A 90 -6.11 4.27 15.99
C ASN A 90 -7.47 4.44 15.33
N GLY A 91 -7.70 5.55 14.63
CA GLY A 91 -8.98 5.80 14.00
C GLY A 91 -10.05 6.33 14.93
N LYS A 92 -9.78 6.45 16.22
CA LYS A 92 -10.76 6.98 17.16
C LYS A 92 -11.01 8.45 16.87
N THR A 93 -12.28 8.85 16.85
CA THR A 93 -12.67 10.22 16.54
C THR A 93 -13.13 10.94 17.80
N HIS A 94 -12.78 12.21 17.90
CA HIS A 94 -13.20 13.09 18.97
C HIS A 94 -13.89 14.30 18.34
N ILE A 95 -15.14 14.54 18.71
CA ILE A 95 -15.95 15.60 18.13
C ILE A 95 -16.42 16.50 19.27
N VAL A 96 -16.14 17.80 19.15
CA VAL A 96 -16.70 18.77 20.08
C VAL A 96 -18.17 18.99 19.74
N ARG A 97 -19.03 18.89 20.74
CA ARG A 97 -20.47 18.99 20.54
C ARG A 97 -21.00 20.26 21.19
N LEU A 98 -21.79 21.01 20.43
CA LEU A 98 -22.51 22.19 20.86
C LEU A 98 -23.95 21.82 21.21
N PRO A 99 -24.59 22.57 22.12
CA PRO A 99 -26.02 22.34 22.38
C PRO A 99 -26.85 22.51 21.12
N GLU A 100 -27.92 21.73 21.04
CA GLU A 100 -28.75 21.72 19.83
C GLU A 100 -29.45 23.05 19.63
N ALA A 101 -29.95 23.65 20.71
CA ALA A 101 -30.66 24.92 20.60
C ALA A 101 -29.75 26.01 20.06
N VAL A 102 -28.49 26.04 20.51
CA VAL A 102 -27.55 27.05 20.03
C VAL A 102 -27.34 26.91 18.54
N VAL A 103 -27.11 25.68 18.07
CA VAL A 103 -26.88 25.45 16.64
C VAL A 103 -28.10 25.88 15.84
N ARG A 104 -29.30 25.46 16.28
CA ARG A 104 -30.53 25.82 15.57
C ARG A 104 -30.68 27.34 15.48
N GLU A 105 -30.55 28.03 16.62
CA GLU A 105 -30.79 29.46 16.65
C GLU A 105 -29.76 30.21 15.80
N VAL A 106 -28.48 29.86 15.93
CA VAL A 106 -27.44 30.55 15.19
C VAL A 106 -27.59 30.31 13.69
N GLU A 107 -27.90 29.07 13.29
CA GLU A 107 -28.11 28.79 11.88
C GLU A 107 -29.26 29.60 11.32
N ALA A 108 -30.38 29.65 12.04
CA ALA A 108 -31.53 30.43 11.57
C ALA A 108 -31.17 31.91 11.45
N LEU A 109 -30.49 32.45 12.47
CA LEU A 109 -30.09 33.86 12.44
C LEU A 109 -29.22 34.15 11.22
N LEU A 110 -28.21 33.32 10.97
CA LEU A 110 -27.30 33.57 9.87
C LEU A 110 -28.01 33.44 8.53
N ARG A 111 -28.86 32.41 8.38
CA ARG A 111 -29.60 32.23 7.13
C ARG A 111 -30.47 33.44 6.84
N SER A 112 -31.17 33.96 7.86
CA SER A 112 -32.01 35.13 7.64
C SER A 112 -31.18 36.36 7.30
N THR A 113 -30.07 36.58 8.03
CA THR A 113 -29.23 37.75 7.80
C THR A 113 -28.49 37.67 6.47
N LEU A 114 -28.43 36.51 5.84
CA LEU A 114 -27.66 36.34 4.62
C LEU A 114 -28.37 36.86 3.38
N VAL A 115 -29.67 37.10 3.45
CA VAL A 115 -30.44 37.48 2.26
C VAL A 115 -29.96 38.82 1.71
N ALA A 116 -29.66 39.78 2.59
CA ALA A 116 -29.25 41.10 2.17
C ALA A 116 -27.78 41.17 1.74
N LEU A 117 -27.09 40.03 1.69
CA LEU A 117 -25.71 39.97 1.24
C LEU A 117 -25.59 38.90 0.17
N PRO A 118 -26.00 39.21 -1.05
CA PRO A 118 -25.97 38.20 -2.12
C PRO A 118 -24.55 37.82 -2.50
N GLY A 119 -24.38 36.55 -2.89
CA GLY A 119 -23.08 36.01 -3.22
C GLY A 119 -22.36 35.36 -2.05
N THR A 120 -22.78 35.65 -0.81
CA THR A 120 -22.19 35.01 0.35
C THR A 120 -22.81 33.63 0.56
N GLU A 121 -22.01 32.71 1.09
CA GLU A 121 -22.45 31.34 1.33
C GLU A 121 -22.32 31.00 2.80
N LEU A 122 -23.32 30.30 3.33
CA LEU A 122 -23.29 29.81 4.70
C LEU A 122 -23.10 28.30 4.67
N GLU A 123 -21.98 27.84 5.23
CA GLU A 123 -21.64 26.42 5.29
C GLU A 123 -21.74 25.97 6.74
N SER A 124 -22.68 25.07 7.02
CA SER A 124 -22.85 24.54 8.37
C SER A 124 -22.03 23.27 8.52
N LYS A 125 -21.21 23.21 9.57
CA LYS A 125 -20.29 22.10 9.78
C LYS A 125 -20.65 21.27 11.01
N GLY A 126 -21.88 21.38 11.49
CA GLY A 126 -22.28 20.63 12.67
C GLY A 126 -22.03 21.38 13.96
N MET A 127 -20.77 21.79 14.19
CA MET A 127 -20.41 22.57 15.36
C MET A 127 -19.75 23.90 14.99
N ALA A 128 -19.84 24.31 13.73
CA ALA A 128 -19.25 25.57 13.28
C ALA A 128 -20.03 26.08 12.08
N PHE A 129 -19.78 27.34 11.72
CA PHE A 129 -20.46 27.97 10.59
C PHE A 129 -19.46 28.84 9.83
N ALA A 130 -19.24 28.54 8.55
CA ALA A 130 -18.35 29.31 7.72
C ALA A 130 -19.15 30.25 6.82
N LEU A 131 -18.78 31.53 6.82
CA LEU A 131 -19.40 32.55 5.97
C LEU A 131 -18.39 32.87 4.88
N HIS A 132 -18.65 32.37 3.67
CA HIS A 132 -17.80 32.59 2.52
C HIS A 132 -18.25 33.83 1.77
N TYR A 133 -17.28 34.63 1.33
CA TYR A 133 -17.56 35.84 0.58
C TYR A 133 -16.61 36.03 -0.60
N ARG A 134 -16.02 34.95 -1.11
CA ARG A 134 -15.09 35.08 -2.24
C ARG A 134 -15.80 35.59 -3.49
N GLN A 135 -17.06 35.23 -3.67
CA GLN A 135 -17.83 35.71 -4.81
C GLN A 135 -18.32 37.14 -4.64
N ALA A 136 -18.27 37.69 -3.42
CA ALA A 136 -18.71 39.05 -3.16
C ALA A 136 -17.94 39.60 -1.96
N PRO A 137 -16.70 40.04 -2.18
CA PRO A 137 -15.89 40.50 -1.04
C PRO A 137 -16.37 41.79 -0.40
N GLU A 138 -17.24 42.54 -1.07
CA GLU A 138 -17.73 43.79 -0.50
C GLU A 138 -18.51 43.58 0.79
N HIS A 139 -19.06 42.38 1.00
CA HIS A 139 -19.76 42.07 2.23
C HIS A 139 -18.84 41.62 3.36
N GLU A 140 -17.53 41.57 3.11
CA GLU A 140 -16.56 41.08 4.09
C GLU A 140 -16.74 41.75 5.44
N ALA A 141 -16.93 43.07 5.45
CA ALA A 141 -17.15 43.78 6.71
C ALA A 141 -18.43 43.30 7.38
N ALA A 142 -19.55 43.33 6.64
CA ALA A 142 -20.85 43.00 7.21
C ALA A 142 -20.81 41.66 7.93
N LEU A 143 -20.50 40.60 7.17
CA LEU A 143 -20.35 39.27 7.76
C LEU A 143 -19.55 39.31 9.05
N LEU A 144 -18.37 39.94 9.00
CA LEU A 144 -17.53 40.06 10.18
C LEU A 144 -18.34 40.60 11.35
N ALA A 145 -18.90 41.80 11.18
CA ALA A 145 -19.71 42.40 12.24
C ALA A 145 -20.80 41.42 12.70
N LEU A 146 -21.50 40.82 11.74
CA LEU A 146 -22.55 39.88 12.09
C LEU A 146 -22.01 38.76 12.97
N ALA A 147 -20.89 38.17 12.55
CA ALA A 147 -20.29 37.11 13.35
C ALA A 147 -19.90 37.62 14.73
N GLN A 148 -19.39 38.86 14.80
CA GLN A 148 -19.01 39.42 16.08
C GLN A 148 -20.20 39.54 17.01
N HIS A 149 -21.40 39.68 16.46
CA HIS A 149 -22.59 39.70 17.32
C HIS A 149 -22.90 38.31 17.85
N VAL A 150 -22.77 37.29 16.99
CA VAL A 150 -23.08 35.92 17.40
C VAL A 150 -22.20 35.52 18.58
N THR A 151 -20.88 35.66 18.42
CA THR A 151 -19.96 35.36 19.50
C THR A 151 -20.24 36.19 20.75
N GLN A 152 -20.86 37.36 20.59
CA GLN A 152 -21.21 38.16 21.77
C GLN A 152 -22.38 37.54 22.53
N HIS A 153 -23.36 37.00 21.81
CA HIS A 153 -24.57 36.50 22.45
C HIS A 153 -24.47 35.04 22.85
N TRP A 154 -23.66 34.26 22.13
CA TRP A 154 -23.41 32.86 22.46
C TRP A 154 -21.96 32.71 22.87
N PRO A 155 -21.63 32.83 24.16
CA PRO A 155 -20.22 32.73 24.59
C PRO A 155 -19.59 31.38 24.31
N GLN A 156 -20.38 30.38 23.94
CA GLN A 156 -19.83 29.09 23.51
C GLN A 156 -19.05 29.18 22.21
N LEU A 157 -19.10 30.32 21.52
CA LEU A 157 -18.57 30.44 20.18
C LEU A 157 -17.46 31.49 20.13
N ALA A 158 -16.51 31.27 19.23
CA ALA A 158 -15.39 32.17 18.99
C ALA A 158 -15.25 32.41 17.50
N LEU A 159 -14.45 33.43 17.16
CA LEU A 159 -14.29 33.88 15.79
C LEU A 159 -12.96 33.38 15.22
N GLN A 160 -13.00 32.97 13.95
CA GLN A 160 -11.79 32.57 13.21
C GLN A 160 -11.93 33.13 11.80
N LEU A 161 -11.31 34.29 11.57
CA LEU A 161 -11.29 34.84 10.23
C LEU A 161 -10.22 34.13 9.40
N GLY A 162 -10.42 34.15 8.09
CA GLY A 162 -9.49 33.50 7.19
C GLY A 162 -9.68 34.01 5.78
N LYS A 163 -8.82 33.52 4.88
CA LYS A 163 -8.82 33.95 3.50
C LYS A 163 -10.19 33.78 2.87
N CYS A 164 -10.88 34.91 2.65
CA CYS A 164 -12.20 34.95 2.00
C CYS A 164 -13.26 34.23 2.82
N VAL A 165 -13.11 34.18 4.15
CA VAL A 165 -14.08 33.48 4.99
C VAL A 165 -14.05 34.07 6.40
N VAL A 166 -15.22 34.03 7.04
CA VAL A 166 -15.34 34.33 8.47
C VAL A 166 -16.03 33.14 9.11
N GLU A 167 -15.33 32.42 9.99
CA GLU A 167 -15.86 31.20 10.59
C GLU A 167 -16.20 31.44 12.05
N ILE A 168 -17.27 30.79 12.51
CA ILE A 168 -17.68 30.77 13.90
C ILE A 168 -17.49 29.35 14.40
N LYS A 169 -16.62 29.19 15.40
CA LYS A 169 -16.18 27.88 15.88
C LYS A 169 -16.51 27.75 17.37
N PRO A 170 -16.39 26.56 17.96
CA PRO A 170 -16.51 26.46 19.41
C PRO A 170 -15.35 27.15 20.10
N LYS A 171 -15.65 27.86 21.19
CA LYS A 171 -14.61 28.55 21.94
C LYS A 171 -13.61 27.54 22.50
N GLY A 172 -12.33 27.88 22.39
CA GLY A 172 -11.26 26.99 22.80
C GLY A 172 -10.70 26.11 21.70
N THR A 173 -11.37 26.06 20.54
CA THR A 173 -10.91 25.25 19.42
C THR A 173 -9.92 26.05 18.58
N ASN A 174 -8.73 25.49 18.39
CA ASN A 174 -7.72 26.10 17.53
C ASN A 174 -6.72 25.03 17.12
N LYS A 175 -5.96 25.32 16.06
CA LYS A 175 -5.03 24.33 15.54
C LYS A 175 -3.87 24.07 16.50
N GLY A 176 -3.55 25.03 17.36
CA GLY A 176 -2.51 24.81 18.35
C GLY A 176 -2.87 23.68 19.31
N GLU A 177 -4.10 23.69 19.83
CA GLU A 177 -4.49 22.63 20.76
C GLU A 177 -4.70 21.30 20.03
N ALA A 178 -5.03 21.33 18.75
CA ALA A 178 -5.09 20.09 17.98
C ALA A 178 -3.71 19.46 17.84
N ILE A 179 -2.72 20.28 17.48
CA ILE A 179 -1.34 19.79 17.42
C ILE A 179 -0.88 19.31 18.79
N ALA A 180 -1.30 20.02 19.85
CA ALA A 180 -0.95 19.60 21.21
C ALA A 180 -1.54 18.24 21.54
N ALA A 181 -2.81 18.03 21.19
CA ALA A 181 -3.43 16.73 21.44
C ALA A 181 -2.71 15.62 20.69
N PHE A 182 -2.30 15.90 19.45
CA PHE A 182 -1.55 14.89 18.70
C PHE A 182 -0.19 14.62 19.32
N MET A 183 0.49 15.66 19.80
CA MET A 183 1.88 15.53 20.26
C MET A 183 2.01 14.77 21.57
N GLN A 184 0.92 14.55 22.30
CA GLN A 184 0.95 13.76 23.52
C GLN A 184 0.52 12.32 23.30
N GLU A 185 0.30 11.93 22.04
CA GLU A 185 -0.08 10.57 21.68
C GLU A 185 0.97 9.95 20.78
N ALA A 186 1.07 8.63 20.84
CA ALA A 186 1.86 7.90 19.85
C ALA A 186 1.17 8.00 18.48
N PRO A 187 1.94 8.00 17.38
CA PRO A 187 3.41 7.94 17.33
C PRO A 187 4.06 9.32 17.27
N PHE A 188 3.27 10.38 17.49
CA PHE A 188 3.81 11.73 17.43
C PHE A 188 4.69 12.05 18.63
N ALA A 189 4.37 11.48 19.79
CA ALA A 189 5.10 11.81 21.01
C ALA A 189 6.56 11.36 20.91
N GLY A 190 7.46 12.26 21.29
CA GLY A 190 8.89 12.00 21.22
C GLY A 190 9.57 12.52 19.98
N ARG A 191 8.82 13.04 19.02
CA ARG A 191 9.36 13.58 17.77
C ARG A 191 9.26 15.10 17.78
N ILE A 192 10.00 15.71 16.85
CA ILE A 192 10.05 17.16 16.72
C ILE A 192 8.91 17.60 15.79
N PRO A 193 8.01 18.48 16.23
CA PRO A 193 6.87 18.84 15.39
C PRO A 193 7.27 19.76 14.25
N VAL A 194 6.67 19.49 13.08
CA VAL A 194 6.81 20.32 11.90
C VAL A 194 5.42 20.67 11.40
N PHE A 195 5.13 21.96 11.26
CA PHE A 195 3.80 22.41 10.86
C PHE A 195 3.91 23.40 9.71
N VAL A 196 3.22 23.10 8.60
CA VAL A 196 3.21 23.94 7.41
C VAL A 196 1.79 24.44 7.21
N GLY A 197 1.62 25.76 7.12
CA GLY A 197 0.33 26.38 6.96
C GLY A 197 0.43 27.69 6.23
N ASP A 198 -0.73 28.31 5.98
CA ASP A 198 -0.77 29.52 5.15
C ASP A 198 -1.74 30.59 5.61
N ASP A 199 -2.58 30.35 6.61
CA ASP A 199 -3.63 31.29 6.97
C ASP A 199 -3.51 31.67 8.44
N LEU A 200 -4.43 32.53 8.89
CA LEU A 200 -4.37 33.03 10.25
C LEU A 200 -4.60 31.92 11.27
N THR A 201 -5.54 31.00 10.99
CA THR A 201 -5.79 29.90 11.92
C THR A 201 -4.53 29.08 12.18
N ASP A 202 -3.58 29.08 11.25
CA ASP A 202 -2.35 28.32 11.40
C ASP A 202 -1.38 29.00 12.35
N GLU A 203 -1.50 30.30 12.58
CA GLU A 203 -0.56 31.01 13.44
C GLU A 203 -0.49 30.38 14.82
N ALA A 204 -1.66 30.07 15.40
CA ALA A 204 -1.71 29.35 16.67
C ALA A 204 -0.80 28.13 16.62
N GLY A 205 -0.99 27.27 15.62
CA GLY A 205 -0.11 26.13 15.44
C GLY A 205 1.35 26.53 15.46
N PHE A 206 1.71 27.52 14.61
CA PHE A 206 3.07 28.01 14.57
C PHE A 206 3.58 28.30 15.98
N GLY A 207 2.79 29.04 16.75
CA GLY A 207 3.15 29.36 18.13
C GLY A 207 3.54 28.12 18.90
N VAL A 208 2.62 27.15 18.97
CA VAL A 208 2.90 25.98 19.80
C VAL A 208 4.03 25.16 19.23
N VAL A 209 4.28 25.28 17.92
CA VAL A 209 5.39 24.53 17.35
C VAL A 209 6.71 25.24 17.66
N ASN A 210 6.69 26.57 17.73
CA ASN A 210 7.92 27.30 18.03
C ASN A 210 8.32 27.10 19.48
N HIS A 211 7.35 27.14 20.40
CA HIS A 211 7.66 26.94 21.81
C HIS A 211 8.21 25.54 22.07
N ALA A 212 7.84 24.56 21.26
CA ALA A 212 8.28 23.19 21.43
C ALA A 212 9.61 22.89 20.76
N GLY A 213 10.28 23.91 20.19
CA GLY A 213 11.52 23.67 19.49
C GLY A 213 11.38 22.99 18.16
N GLY A 214 10.21 23.10 17.51
CA GLY A 214 9.97 22.49 16.23
C GLY A 214 10.23 23.43 15.07
N ILE A 215 9.61 23.13 13.94
CA ILE A 215 9.82 23.86 12.70
C ILE A 215 8.46 24.34 12.19
N SER A 216 8.29 25.66 12.08
CA SER A 216 7.07 26.27 11.57
C SER A 216 7.36 26.87 10.20
N VAL A 217 6.50 26.58 9.24
CA VAL A 217 6.69 27.01 7.85
C VAL A 217 5.43 27.72 7.38
N LYS A 218 5.59 28.96 6.92
CA LYS A 218 4.50 29.74 6.34
C LYS A 218 4.53 29.63 4.83
N VAL A 219 3.36 29.46 4.23
CA VAL A 219 3.21 29.39 2.77
C VAL A 219 2.57 30.68 2.27
N GLY A 220 3.20 31.30 1.29
CA GLY A 220 2.66 32.50 0.69
C GLY A 220 3.11 33.77 1.40
N VAL A 221 2.42 34.86 1.05
CA VAL A 221 2.78 36.19 1.53
C VAL A 221 2.04 36.49 2.83
N GLY A 222 2.47 37.55 3.52
CA GLY A 222 1.82 37.96 4.75
C GLY A 222 2.71 37.83 5.97
N ALA A 223 2.45 38.66 6.97
CA ALA A 223 3.20 38.57 8.22
C ALA A 223 2.90 37.25 8.93
N THR A 224 3.90 36.74 9.64
CA THR A 224 3.75 35.46 10.32
C THR A 224 4.76 35.39 11.45
N GLN A 225 4.45 34.57 12.45
CA GLN A 225 5.40 34.21 13.50
C GLN A 225 6.08 32.88 13.22
N ALA A 226 5.83 32.29 12.06
CA ALA A 226 6.59 31.12 11.62
C ALA A 226 8.04 31.51 11.34
N ALA A 227 8.95 30.57 11.64
CA ALA A 227 10.37 30.83 11.46
C ALA A 227 10.82 30.67 10.01
N TRP A 228 10.05 29.99 9.19
CA TRP A 228 10.44 29.70 7.81
C TRP A 228 9.27 29.96 6.87
N ARG A 229 9.60 30.23 5.61
CA ARG A 229 8.60 30.59 4.61
C ARG A 229 8.85 29.84 3.32
N LEU A 230 7.75 29.40 2.70
CA LEU A 230 7.75 28.86 1.35
C LEU A 230 6.88 29.77 0.48
N GLU A 231 7.29 29.97 -0.77
CA GLU A 231 6.68 31.01 -1.59
C GLU A 231 5.28 30.63 -2.03
N SER A 232 5.05 29.37 -2.38
CA SER A 232 3.77 28.94 -2.94
C SER A 232 3.55 27.46 -2.66
N VAL A 233 2.40 26.96 -3.09
CA VAL A 233 2.02 25.56 -2.94
C VAL A 233 2.92 24.66 -3.79
N PRO A 234 3.22 25.01 -5.06
CA PRO A 234 4.21 24.20 -5.79
C PRO A 234 5.55 24.12 -5.10
N ASP A 235 5.93 25.15 -4.34
CA ASP A 235 7.16 25.06 -3.56
C ASP A 235 7.01 24.06 -2.42
N VAL A 236 5.82 23.94 -1.84
CA VAL A 236 5.58 22.88 -0.86
C VAL A 236 5.71 21.52 -1.50
N TRP A 237 5.18 21.38 -2.72
CA TRP A 237 5.30 20.12 -3.45
C TRP A 237 6.77 19.77 -3.71
N ARG A 238 7.55 20.78 -4.15
CA ARG A 238 8.96 20.55 -4.40
C ARG A 238 9.69 20.20 -3.10
N TRP A 239 9.33 20.87 -2.01
CA TRP A 239 9.93 20.57 -0.70
C TRP A 239 9.66 19.13 -0.30
N LEU A 240 8.41 18.67 -0.48
CA LEU A 240 8.06 17.29 -0.15
C LEU A 240 8.83 16.30 -1.02
N GLU A 241 8.89 16.58 -2.33
CA GLU A 241 9.62 15.70 -3.23
C GLU A 241 11.11 15.64 -2.89
N GLN A 242 11.67 16.78 -2.44
CA GLN A 242 13.07 16.79 -2.04
C GLN A 242 13.28 15.99 -0.76
N ILE A 243 12.32 16.05 0.16
CA ILE A 243 12.39 15.20 1.35
C ILE A 243 12.41 13.73 0.95
N ASN A 244 11.50 13.34 0.05
CA ASN A 244 11.37 11.94 -0.31
C ASN A 244 12.55 11.46 -1.16
N TYR A 245 13.03 12.29 -2.07
CA TYR A 245 14.10 11.91 -2.99
C TYR A 245 15.11 13.04 -3.10
N PRO A 246 16.13 13.06 -2.22
CA PRO A 246 17.19 14.08 -2.26
C PRO A 246 18.17 13.87 -3.40
N MET B 1 -8.47 -39.10 -12.87
CA MET B 1 -7.98 -40.46 -12.96
C MET B 1 -6.62 -40.51 -13.67
N ALA B 2 -5.60 -39.96 -13.02
CA ALA B 2 -4.25 -39.99 -13.58
C ALA B 2 -3.69 -41.40 -13.49
N GLU B 3 -2.98 -41.80 -14.55
CA GLU B 3 -2.43 -43.15 -14.62
C GLU B 3 -0.92 -43.13 -14.39
N PRO B 4 -0.35 -44.21 -13.86
CA PRO B 4 1.08 -44.21 -13.54
C PRO B 4 1.95 -43.98 -14.76
N LEU B 5 2.91 -43.06 -14.62
CA LEU B 5 3.89 -42.80 -15.66
C LEU B 5 4.98 -43.86 -15.60
N THR B 6 5.13 -44.62 -16.70
CA THR B 6 6.07 -45.73 -16.74
C THR B 6 7.13 -45.59 -17.83
N VAL B 7 6.93 -44.73 -18.82
CA VAL B 7 7.86 -44.59 -19.93
C VAL B 7 8.45 -43.19 -19.92
N SER B 8 9.70 -43.10 -20.36
CA SER B 8 10.68 -42.03 -20.50
C SER B 8 10.69 -41.53 -21.95
N PRO B 9 10.72 -40.22 -22.18
CA PRO B 9 10.95 -39.73 -23.54
C PRO B 9 12.41 -39.90 -23.94
N GLU B 10 12.64 -40.01 -25.25
CA GLU B 10 14.00 -40.02 -25.76
C GLU B 10 14.66 -38.68 -25.47
N LEU B 11 15.97 -38.72 -25.17
CA LEU B 11 16.64 -37.51 -24.70
C LEU B 11 16.74 -36.44 -25.78
N THR B 12 16.68 -36.81 -27.07
CA THR B 12 16.66 -35.81 -28.13
C THR B 12 15.34 -35.85 -28.90
N ALA B 13 14.23 -35.60 -28.20
CA ALA B 13 12.92 -35.50 -28.84
C ALA B 13 12.54 -34.03 -28.97
N ASN B 14 11.31 -33.78 -29.38
CA ASN B 14 10.81 -32.42 -29.60
C ASN B 14 9.98 -31.93 -28.41
N TYR B 15 10.54 -32.03 -27.21
CA TYR B 15 9.83 -31.69 -25.99
C TYR B 15 10.41 -30.42 -25.36
N ALA B 16 9.53 -29.65 -24.73
CA ALA B 16 9.91 -28.52 -23.89
C ALA B 16 9.52 -28.84 -22.46
N TYR B 17 10.46 -28.67 -21.53
CA TYR B 17 10.31 -29.16 -20.17
C TYR B 17 10.07 -28.03 -19.19
N PHE B 18 9.13 -28.25 -18.27
CA PHE B 18 8.84 -27.34 -17.18
C PHE B 18 8.72 -28.14 -15.89
N PHE B 19 9.48 -27.74 -14.87
CA PHE B 19 9.52 -28.48 -13.61
C PHE B 19 9.21 -27.53 -12.46
N ASP B 20 8.28 -27.95 -11.59
CA ASP B 20 8.17 -27.35 -10.28
C ASP B 20 9.34 -27.82 -9.41
N LEU B 21 9.64 -27.08 -8.36
CA LEU B 21 10.77 -27.45 -7.52
C LEU B 21 10.32 -28.14 -6.24
N ASP B 22 9.81 -27.38 -5.27
CA ASP B 22 9.44 -27.94 -3.98
C ASP B 22 8.34 -28.98 -4.14
N GLY B 23 8.64 -30.22 -3.74
CA GLY B 23 7.72 -31.31 -3.88
C GLY B 23 7.79 -32.04 -5.21
N THR B 24 8.69 -31.62 -6.10
CA THR B 24 8.83 -32.25 -7.41
C THR B 24 10.29 -32.60 -7.68
N LEU B 25 11.16 -31.60 -7.61
CA LEU B 25 12.59 -31.80 -7.77
C LEU B 25 13.31 -31.99 -6.44
N ALA B 26 12.71 -31.52 -5.35
CA ALA B 26 13.28 -31.66 -4.02
C ALA B 26 12.18 -32.02 -3.04
N GLU B 27 12.51 -32.83 -2.05
CA GLU B 27 11.52 -33.30 -1.11
C GLU B 27 11.18 -32.21 -0.09
N ILE B 28 9.98 -32.34 0.49
CA ILE B 28 9.48 -31.32 1.41
C ILE B 28 10.28 -31.34 2.70
N LYS B 29 10.58 -30.16 3.22
CA LYS B 29 11.28 -29.97 4.48
C LYS B 29 10.43 -29.15 5.43
N PRO B 30 10.65 -29.26 6.74
CA PRO B 30 9.87 -28.45 7.69
C PRO B 30 9.98 -26.95 7.46
N HIS B 31 11.07 -26.48 6.87
CA HIS B 31 11.26 -25.07 6.60
C HIS B 31 11.73 -24.88 5.17
N PRO B 32 11.33 -23.78 4.51
CA PRO B 32 11.69 -23.58 3.10
C PRO B 32 13.19 -23.41 2.86
N ASP B 33 13.98 -23.14 3.90
CA ASP B 33 15.42 -22.94 3.72
C ASP B 33 16.23 -24.21 3.95
N GLN B 34 15.57 -25.35 4.15
CA GLN B 34 16.24 -26.64 4.27
C GLN B 34 16.12 -27.48 3.01
N VAL B 35 15.57 -26.93 1.94
CA VAL B 35 15.34 -27.68 0.71
C VAL B 35 16.64 -27.74 -0.08
N VAL B 36 16.97 -28.94 -0.58
CA VAL B 36 18.19 -29.17 -1.35
C VAL B 36 17.84 -29.99 -2.58
N VAL B 37 18.26 -29.51 -3.74
CA VAL B 37 18.18 -30.27 -4.99
C VAL B 37 19.54 -30.92 -5.21
N PRO B 38 19.65 -32.25 -5.20
CA PRO B 38 20.96 -32.89 -5.41
C PRO B 38 21.60 -32.46 -6.72
N HIS B 39 22.93 -32.30 -6.68
CA HIS B 39 23.64 -31.80 -7.84
C HIS B 39 23.63 -32.79 -9.00
N LYS B 40 23.51 -34.09 -8.71
CA LYS B 40 23.35 -35.06 -9.80
C LYS B 40 22.03 -34.81 -10.54
N ILE B 41 20.97 -34.53 -9.79
CA ILE B 41 19.69 -34.18 -10.41
C ILE B 41 19.84 -32.89 -11.22
N LEU B 42 20.61 -31.94 -10.69
CA LEU B 42 20.79 -30.66 -11.39
C LEU B 42 21.55 -30.84 -12.69
N GLN B 43 22.59 -31.67 -12.70
CA GLN B 43 23.33 -31.90 -13.93
C GLN B 43 22.54 -32.79 -14.90
N LEU B 44 21.67 -33.66 -14.38
CA LEU B 44 20.74 -34.35 -15.25
C LEU B 44 19.82 -33.36 -15.96
N LEU B 45 19.28 -32.39 -15.22
CA LEU B 45 18.43 -31.37 -15.82
C LEU B 45 19.20 -30.54 -16.83
N ASP B 46 20.45 -30.18 -16.51
CA ASP B 46 21.26 -29.43 -17.45
C ASP B 46 21.54 -30.23 -18.72
N ARG B 47 21.81 -31.53 -18.56
CA ARG B 47 21.98 -32.40 -19.73
C ARG B 47 20.72 -32.40 -20.59
N LEU B 48 19.56 -32.57 -19.96
CA LEU B 48 18.31 -32.60 -20.70
C LEU B 48 18.07 -31.28 -21.43
N ALA B 49 18.36 -30.15 -20.77
CA ALA B 49 18.19 -28.86 -21.42
C ALA B 49 19.16 -28.70 -22.59
N ALA B 50 20.41 -29.14 -22.42
CA ALA B 50 21.39 -29.01 -23.49
C ALA B 50 21.01 -29.87 -24.69
N HIS B 51 20.42 -31.04 -24.44
CA HIS B 51 20.00 -31.89 -25.55
C HIS B 51 18.69 -31.43 -26.18
N ASN B 52 18.00 -30.47 -25.58
CA ASN B 52 16.75 -29.93 -26.13
C ASN B 52 16.85 -28.42 -26.31
N ALA B 53 18.00 -27.95 -26.80
CA ALA B 53 18.23 -26.56 -27.19
C ALA B 53 18.04 -25.58 -26.04
N GLY B 54 18.11 -26.05 -24.79
CA GLY B 54 17.92 -25.18 -23.65
C GLY B 54 16.48 -24.97 -23.25
N ALA B 55 15.55 -25.76 -23.76
CA ALA B 55 14.13 -25.59 -23.46
C ALA B 55 13.79 -26.36 -22.19
N LEU B 56 14.17 -25.78 -21.06
CA LEU B 56 13.84 -26.34 -19.75
C LEU B 56 13.79 -25.18 -18.76
N ALA B 57 12.60 -24.90 -18.23
CA ALA B 57 12.40 -23.81 -17.29
C ALA B 57 11.91 -24.34 -15.96
N LEU B 58 12.24 -23.63 -14.89
CA LEU B 58 11.82 -23.97 -13.54
C LEU B 58 10.64 -23.10 -13.16
N ILE B 59 9.49 -23.71 -12.92
CA ILE B 59 8.25 -22.99 -12.62
C ILE B 59 7.88 -23.30 -11.17
N SER B 60 8.16 -22.35 -10.27
CA SER B 60 7.93 -22.56 -8.85
C SER B 60 7.42 -21.28 -8.21
N GLY B 61 6.92 -21.42 -6.99
CA GLY B 61 6.43 -20.28 -6.22
C GLY B 61 7.49 -19.49 -5.48
N ARG B 62 8.72 -20.00 -5.45
CA ARG B 62 9.81 -19.27 -4.82
C ARG B 62 10.20 -18.05 -5.66
N SER B 63 11.02 -17.20 -5.08
CA SER B 63 11.58 -16.10 -5.82
C SER B 63 12.74 -16.58 -6.69
N MET B 64 13.04 -15.81 -7.74
CA MET B 64 14.12 -16.21 -8.65
C MET B 64 15.48 -16.17 -7.98
N THR B 65 15.63 -15.40 -6.89
CA THR B 65 16.88 -15.41 -6.15
C THR B 65 17.14 -16.78 -5.53
N GLU B 66 16.16 -17.30 -4.78
CA GLU B 66 16.31 -18.61 -4.18
C GLU B 66 16.39 -19.71 -5.25
N LEU B 67 15.70 -19.52 -6.37
CA LEU B 67 15.76 -20.50 -7.45
C LEU B 67 17.17 -20.56 -8.05
N ASP B 68 17.76 -19.39 -8.32
CA ASP B 68 19.14 -19.37 -8.79
C ASP B 68 20.06 -19.96 -7.74
N ALA B 69 19.82 -19.70 -6.45
CA ALA B 69 20.68 -20.23 -5.41
C ALA B 69 20.59 -21.76 -5.32
N LEU B 70 19.39 -22.31 -5.53
CA LEU B 70 19.21 -23.75 -5.41
C LEU B 70 19.73 -24.50 -6.63
N ALA B 71 19.72 -23.86 -7.80
CA ALA B 71 20.11 -24.52 -9.04
C ALA B 71 21.59 -24.31 -9.39
N LYS B 72 22.34 -23.60 -8.56
CA LYS B 72 23.77 -23.43 -8.83
C LYS B 72 24.49 -24.78 -8.79
N PRO B 73 25.55 -24.96 -9.61
CA PRO B 73 26.12 -23.90 -10.44
C PRO B 73 25.45 -23.70 -11.81
N PHE B 74 24.21 -24.15 -11.98
CA PHE B 74 23.51 -24.03 -13.24
C PHE B 74 22.53 -22.86 -13.20
N ARG B 75 22.22 -22.31 -14.37
CA ARG B 75 21.31 -21.19 -14.51
C ARG B 75 20.28 -21.53 -15.58
N PHE B 76 19.04 -21.72 -15.17
CA PHE B 76 17.93 -22.07 -16.03
C PHE B 76 17.00 -20.88 -16.20
N PRO B 77 16.20 -20.85 -17.26
CA PRO B 77 15.09 -19.90 -17.31
C PRO B 77 14.07 -20.21 -16.23
N LEU B 78 13.47 -19.15 -15.70
CA LEU B 78 12.70 -19.28 -14.47
C LEU B 78 11.34 -18.60 -14.57
N ALA B 79 10.40 -19.13 -13.80
CA ALA B 79 9.13 -18.47 -13.52
C ALA B 79 8.92 -18.61 -12.02
N GLY B 80 9.15 -17.54 -11.28
CA GLY B 80 9.04 -17.56 -9.83
C GLY B 80 7.81 -16.83 -9.32
N VAL B 81 7.47 -17.06 -8.06
CA VAL B 81 6.29 -16.49 -7.42
C VAL B 81 5.07 -16.79 -8.27
N HIS B 82 4.90 -18.06 -8.64
CA HIS B 82 3.76 -18.54 -9.42
C HIS B 82 3.61 -17.80 -10.74
N GLY B 83 4.68 -17.23 -11.27
CA GLY B 83 4.65 -16.48 -12.51
C GLY B 83 4.78 -14.98 -12.35
N ALA B 84 4.71 -14.46 -11.12
CA ALA B 84 4.86 -13.03 -10.92
C ALA B 84 6.24 -12.53 -11.34
N GLU B 85 7.27 -13.36 -11.17
CA GLU B 85 8.59 -13.11 -11.69
C GLU B 85 8.86 -14.08 -12.84
N ARG B 86 9.56 -13.61 -13.87
CA ARG B 86 9.93 -14.50 -14.96
C ARG B 86 11.26 -14.03 -15.55
N ARG B 87 12.05 -14.99 -16.03
CA ARG B 87 13.32 -14.71 -16.69
C ARG B 87 13.49 -15.69 -17.82
N ASP B 88 13.69 -15.18 -19.03
CA ASP B 88 13.75 -16.02 -20.22
C ASP B 88 15.16 -16.59 -20.44
N ILE B 89 15.43 -17.02 -21.68
CA ILE B 89 16.70 -17.66 -21.96
C ILE B 89 17.82 -16.63 -22.04
N ASN B 90 17.51 -15.39 -22.43
CA ASN B 90 18.51 -14.34 -22.55
C ASN B 90 18.79 -13.62 -21.25
N GLY B 91 17.95 -13.81 -20.23
CA GLY B 91 18.10 -13.13 -18.96
C GLY B 91 17.16 -11.97 -18.74
N LYS B 92 16.32 -11.65 -19.73
CA LYS B 92 15.35 -10.57 -19.57
C LYS B 92 14.31 -10.96 -18.52
N THR B 93 14.11 -10.08 -17.54
CA THR B 93 13.21 -10.34 -16.43
C THR B 93 11.94 -9.53 -16.57
N HIS B 94 10.80 -10.18 -16.32
CA HIS B 94 9.49 -9.56 -16.23
C HIS B 94 9.00 -9.75 -14.81
N ILE B 95 8.92 -8.66 -14.06
CA ILE B 95 8.57 -8.70 -12.64
C ILE B 95 7.29 -7.90 -12.44
N VAL B 96 6.29 -8.54 -11.85
CA VAL B 96 5.06 -7.84 -11.49
C VAL B 96 5.36 -6.95 -10.28
N ARG B 97 5.00 -5.67 -10.38
CA ARG B 97 5.25 -4.73 -9.31
C ARG B 97 3.94 -4.17 -8.79
N LEU B 98 3.79 -4.19 -7.49
CA LEU B 98 2.67 -3.66 -6.73
C LEU B 98 3.02 -2.32 -6.12
N PRO B 99 2.04 -1.46 -5.88
CA PRO B 99 2.32 -0.16 -5.25
C PRO B 99 2.99 -0.33 -3.89
N GLU B 100 3.93 0.57 -3.61
CA GLU B 100 4.74 0.44 -2.39
C GLU B 100 3.87 0.49 -1.14
N ALA B 101 2.81 1.33 -1.15
CA ALA B 101 1.95 1.43 0.02
C ALA B 101 1.19 0.13 0.27
N VAL B 102 0.74 -0.53 -0.80
CA VAL B 102 0.05 -1.80 -0.64
C VAL B 102 0.96 -2.83 0.01
N VAL B 103 2.17 -2.98 -0.53
CA VAL B 103 3.13 -3.93 0.02
C VAL B 103 3.40 -3.61 1.48
N ARG B 104 3.64 -2.33 1.79
CA ARG B 104 3.96 -1.94 3.16
C ARG B 104 2.83 -2.29 4.11
N GLU B 105 1.60 -1.91 3.77
CA GLU B 105 0.50 -2.11 4.71
C GLU B 105 0.14 -3.59 4.86
N VAL B 106 0.19 -4.35 3.76
CA VAL B 106 -0.09 -5.78 3.86
C VAL B 106 0.99 -6.48 4.69
N GLU B 107 2.27 -6.13 4.45
CA GLU B 107 3.35 -6.72 5.22
C GLU B 107 3.20 -6.41 6.70
N ALA B 108 2.89 -5.16 7.05
CA ALA B 108 2.73 -4.79 8.45
C ALA B 108 1.56 -5.52 9.08
N LEU B 109 0.42 -5.58 8.36
CA LEU B 109 -0.76 -6.24 8.89
C LEU B 109 -0.48 -7.71 9.20
N LEU B 110 0.10 -8.44 8.24
CA LEU B 110 0.33 -9.86 8.45
C LEU B 110 1.43 -10.09 9.50
N ARG B 111 2.48 -9.27 9.47
CA ARG B 111 3.56 -9.39 10.45
C ARG B 111 3.06 -9.23 11.86
N SER B 112 2.16 -8.27 12.09
CA SER B 112 1.67 -8.06 13.44
C SER B 112 0.55 -9.03 13.81
N THR B 113 -0.26 -9.46 12.85
CA THR B 113 -1.34 -10.40 13.17
C THR B 113 -0.79 -11.78 13.51
N LEU B 114 0.31 -12.19 12.88
CA LEU B 114 0.86 -13.51 13.14
C LEU B 114 1.61 -13.64 14.47
N VAL B 115 1.83 -12.52 15.18
CA VAL B 115 2.41 -12.61 16.51
C VAL B 115 1.43 -13.30 17.46
N ALA B 116 0.13 -13.10 17.23
CA ALA B 116 -0.89 -13.79 18.02
C ALA B 116 -0.82 -15.29 17.80
N LEU B 117 -0.82 -15.74 16.54
CA LEU B 117 -0.78 -17.16 16.20
C LEU B 117 0.65 -17.67 16.25
N PRO B 118 1.02 -18.44 17.28
CA PRO B 118 2.40 -18.92 17.38
C PRO B 118 2.65 -20.12 16.49
N GLY B 119 3.85 -20.18 15.91
CA GLY B 119 4.25 -21.23 15.02
C GLY B 119 4.18 -20.86 13.54
N THR B 120 3.22 -20.02 13.15
CA THR B 120 3.13 -19.57 11.78
C THR B 120 4.31 -18.65 11.44
N GLU B 121 4.60 -18.56 10.14
CA GLU B 121 5.73 -17.73 9.69
C GLU B 121 5.34 -16.96 8.44
N LEU B 122 5.83 -15.73 8.35
CA LEU B 122 5.59 -14.87 7.19
C LEU B 122 6.84 -14.80 6.34
N GLU B 123 6.66 -14.99 5.02
CA GLU B 123 7.75 -14.86 4.06
C GLU B 123 7.33 -13.83 3.02
N SER B 124 8.02 -12.69 2.99
CA SER B 124 7.75 -11.63 2.02
C SER B 124 8.65 -11.81 0.80
N LYS B 125 8.03 -11.76 -0.38
CA LYS B 125 8.75 -11.98 -1.64
C LYS B 125 8.76 -10.75 -2.54
N GLY B 126 8.36 -9.60 -2.03
CA GLY B 126 8.31 -8.39 -2.85
C GLY B 126 6.90 -8.07 -3.32
N MET B 127 6.33 -8.95 -4.14
CA MET B 127 4.98 -8.78 -4.65
C MET B 127 4.02 -9.84 -4.13
N ALA B 128 4.46 -10.67 -3.19
CA ALA B 128 3.61 -11.72 -2.63
C ALA B 128 3.99 -11.95 -1.18
N PHE B 129 3.11 -12.65 -0.46
CA PHE B 129 3.33 -12.94 0.95
C PHE B 129 2.87 -14.36 1.25
N ALA B 130 3.78 -15.22 1.70
CA ALA B 130 3.46 -16.59 2.02
C ALA B 130 3.33 -16.75 3.53
N LEU B 131 2.17 -17.25 3.97
CA LEU B 131 1.92 -17.56 5.37
C LEU B 131 2.03 -19.06 5.56
N HIS B 132 3.11 -19.50 6.22
CA HIS B 132 3.36 -20.90 6.49
C HIS B 132 2.78 -21.30 7.84
N TYR B 133 2.16 -22.47 7.89
CA TYR B 133 1.60 -23.00 9.13
C TYR B 133 1.96 -24.46 9.35
N ARG B 134 3.12 -24.89 8.85
CA ARG B 134 3.50 -26.29 8.99
C ARG B 134 3.74 -26.66 10.45
N GLN B 135 4.32 -25.76 11.23
CA GLN B 135 4.52 -25.99 12.66
C GLN B 135 3.30 -25.62 13.49
N ALA B 136 2.20 -25.25 12.86
CA ALA B 136 0.96 -24.94 13.56
C ALA B 136 -0.23 -25.11 12.64
N PRO B 137 -0.64 -26.35 12.33
CA PRO B 137 -1.79 -26.53 11.42
C PRO B 137 -3.10 -26.03 12.00
N GLU B 138 -3.22 -25.96 13.33
CA GLU B 138 -4.47 -25.52 13.93
C GLU B 138 -4.83 -24.09 13.53
N HIS B 139 -3.84 -23.28 13.18
CA HIS B 139 -4.07 -21.90 12.77
C HIS B 139 -4.32 -21.76 11.27
N GLU B 140 -4.41 -22.87 10.53
CA GLU B 140 -4.66 -22.81 9.10
C GLU B 140 -5.90 -21.97 8.79
N ALA B 141 -7.03 -22.37 9.39
CA ALA B 141 -8.28 -21.62 9.19
C ALA B 141 -8.14 -20.17 9.63
N ALA B 142 -7.27 -19.89 10.59
CA ALA B 142 -7.05 -18.50 11.00
C ALA B 142 -6.27 -17.74 9.94
N LEU B 143 -5.31 -18.40 9.29
CA LEU B 143 -4.55 -17.77 8.22
C LEU B 143 -5.41 -17.52 7.01
N LEU B 144 -6.07 -18.57 6.52
CA LEU B 144 -6.93 -18.49 5.35
C LEU B 144 -7.85 -17.28 5.42
N ALA B 145 -8.72 -17.25 6.44
CA ALA B 145 -9.61 -16.12 6.64
C ALA B 145 -8.85 -14.80 6.61
N LEU B 146 -7.74 -14.73 7.34
CA LEU B 146 -6.89 -13.54 7.32
C LEU B 146 -6.56 -13.15 5.88
N ALA B 147 -5.99 -14.08 5.12
CA ALA B 147 -5.67 -13.82 3.73
C ALA B 147 -6.89 -13.32 2.96
N GLN B 148 -8.04 -13.95 3.21
CA GLN B 148 -9.27 -13.51 2.55
C GLN B 148 -9.56 -12.04 2.87
N HIS B 149 -9.50 -11.69 4.16
CA HIS B 149 -9.74 -10.30 4.54
C HIS B 149 -8.74 -9.35 3.92
N VAL B 150 -7.57 -9.85 3.51
CA VAL B 150 -6.64 -9.02 2.76
C VAL B 150 -7.16 -8.79 1.34
N THR B 151 -7.50 -9.88 0.65
CA THR B 151 -7.88 -9.78 -0.76
C THR B 151 -9.22 -9.07 -0.93
N GLN B 152 -10.01 -8.95 0.14
CA GLN B 152 -11.22 -8.13 0.06
C GLN B 152 -10.87 -6.65 0.03
N HIS B 153 -9.87 -6.23 0.82
CA HIS B 153 -9.53 -4.82 0.88
C HIS B 153 -8.61 -4.39 -0.25
N TRP B 154 -7.70 -5.28 -0.67
CA TRP B 154 -6.82 -5.02 -1.81
C TRP B 154 -7.24 -5.95 -2.95
N PRO B 155 -8.14 -5.50 -3.83
CA PRO B 155 -8.64 -6.40 -4.89
C PRO B 155 -7.58 -6.82 -5.89
N GLN B 156 -6.44 -6.15 -5.94
CA GLN B 156 -5.35 -6.53 -6.82
C GLN B 156 -4.58 -7.74 -6.31
N LEU B 157 -5.04 -8.38 -5.25
CA LEU B 157 -4.40 -9.56 -4.68
C LEU B 157 -5.38 -10.73 -4.69
N ALA B 158 -4.81 -11.94 -4.71
CA ALA B 158 -5.59 -13.16 -4.78
C ALA B 158 -4.95 -14.23 -3.90
N LEU B 159 -5.75 -15.25 -3.57
CA LEU B 159 -5.31 -16.35 -2.75
C LEU B 159 -4.67 -17.45 -3.60
N GLN B 160 -3.69 -18.13 -3.01
CA GLN B 160 -3.08 -19.32 -3.60
C GLN B 160 -2.83 -20.29 -2.44
N LEU B 161 -3.73 -21.25 -2.27
CA LEU B 161 -3.56 -22.24 -1.23
C LEU B 161 -2.60 -23.33 -1.68
N GLY B 162 -1.70 -23.75 -0.77
CA GLY B 162 -0.78 -24.82 -1.06
C GLY B 162 -0.48 -25.59 0.20
N LYS B 163 0.29 -26.67 0.02
CA LYS B 163 0.62 -27.59 1.11
C LYS B 163 1.22 -26.84 2.30
N CYS B 164 0.43 -26.72 3.37
CA CYS B 164 0.84 -26.07 4.61
C CYS B 164 1.24 -24.61 4.39
N VAL B 165 0.56 -23.92 3.48
CA VAL B 165 0.83 -22.51 3.23
C VAL B 165 -0.38 -21.89 2.56
N VAL B 166 -0.64 -20.63 2.87
CA VAL B 166 -1.58 -19.82 2.08
C VAL B 166 -0.83 -18.58 1.61
N GLU B 167 -0.92 -18.29 0.32
CA GLU B 167 -0.12 -17.25 -0.29
C GLU B 167 -1.03 -16.14 -0.80
N ILE B 168 -0.58 -14.91 -0.66
CA ILE B 168 -1.23 -13.75 -1.24
C ILE B 168 -0.37 -13.31 -2.41
N LYS B 169 -0.94 -13.41 -3.62
CA LYS B 169 -0.20 -13.18 -4.86
C LYS B 169 -0.89 -12.09 -5.66
N PRO B 170 -0.23 -11.52 -6.68
CA PRO B 170 -0.94 -10.58 -7.56
C PRO B 170 -2.06 -11.28 -8.31
N LYS B 171 -3.18 -10.57 -8.48
CA LYS B 171 -4.33 -11.14 -9.16
C LYS B 171 -4.00 -11.41 -10.62
N GLY B 172 -4.43 -12.57 -11.11
CA GLY B 172 -4.17 -12.96 -12.48
C GLY B 172 -2.83 -13.63 -12.71
N THR B 173 -2.12 -13.98 -11.64
CA THR B 173 -0.82 -14.63 -11.73
C THR B 173 -0.98 -16.12 -11.45
N ASN B 174 -0.56 -16.95 -12.39
CA ASN B 174 -0.58 -18.40 -12.19
C ASN B 174 0.42 -19.05 -13.13
N LYS B 175 0.76 -20.31 -12.83
CA LYS B 175 1.79 -21.01 -13.57
C LYS B 175 1.37 -21.33 -15.01
N GLY B 176 0.05 -21.41 -15.27
CA GLY B 176 -0.39 -21.60 -16.64
C GLY B 176 -0.01 -20.44 -17.54
N GLU B 177 -0.19 -19.21 -17.06
CA GLU B 177 0.21 -18.05 -17.85
C GLU B 177 1.72 -18.01 -18.05
N ALA B 178 2.48 -18.41 -17.03
CA ALA B 178 3.93 -18.43 -17.17
C ALA B 178 4.37 -19.45 -18.22
N ILE B 179 3.77 -20.64 -18.20
CA ILE B 179 4.11 -21.64 -19.22
C ILE B 179 3.71 -21.16 -20.60
N ALA B 180 2.53 -20.53 -20.72
CA ALA B 180 2.09 -20.01 -22.00
C ALA B 180 3.04 -18.93 -22.52
N ALA B 181 3.51 -18.06 -21.63
CA ALA B 181 4.45 -17.01 -22.03
C ALA B 181 5.79 -17.59 -22.42
N PHE B 182 6.22 -18.67 -21.75
CA PHE B 182 7.46 -19.33 -22.15
C PHE B 182 7.32 -19.98 -23.53
N MET B 183 6.15 -20.56 -23.82
CA MET B 183 5.96 -21.27 -25.08
C MET B 183 5.97 -20.36 -26.28
N GLN B 184 5.85 -19.05 -26.09
CA GLN B 184 5.88 -18.09 -27.19
C GLN B 184 7.29 -17.62 -27.52
N GLU B 185 8.30 -18.08 -26.78
CA GLU B 185 9.67 -17.64 -26.96
C GLU B 185 10.58 -18.82 -27.28
N ALA B 186 11.66 -18.53 -28.00
CA ALA B 186 12.67 -19.55 -28.24
C ALA B 186 13.44 -19.81 -26.95
N PRO B 187 13.87 -21.06 -26.72
CA PRO B 187 13.72 -22.23 -27.59
C PRO B 187 12.46 -23.05 -27.32
N PHE B 188 11.57 -22.53 -26.47
CA PHE B 188 10.38 -23.29 -26.09
C PHE B 188 9.37 -23.37 -27.23
N ALA B 189 9.34 -22.38 -28.11
CA ALA B 189 8.36 -22.34 -29.18
C ALA B 189 8.62 -23.46 -30.18
N GLY B 190 7.54 -24.11 -30.63
CA GLY B 190 7.62 -25.19 -31.58
C GLY B 190 7.75 -26.58 -30.98
N ARG B 191 7.91 -26.69 -29.67
CA ARG B 191 8.07 -27.96 -28.99
C ARG B 191 6.79 -28.31 -28.23
N ILE B 192 6.72 -29.57 -27.79
CA ILE B 192 5.58 -30.08 -27.04
C ILE B 192 5.88 -29.90 -25.56
N PRO B 193 5.02 -29.22 -24.80
CA PRO B 193 5.35 -28.92 -23.40
C PRO B 193 5.12 -30.11 -22.48
N VAL B 194 6.00 -30.22 -21.48
CA VAL B 194 5.88 -31.23 -20.44
C VAL B 194 6.04 -30.53 -19.10
N PHE B 195 5.05 -30.68 -18.22
CA PHE B 195 5.03 -30.01 -16.93
C PHE B 195 4.86 -31.03 -15.82
N VAL B 196 5.68 -30.94 -14.78
CA VAL B 196 5.66 -31.84 -13.64
C VAL B 196 5.48 -31.00 -12.38
N GLY B 197 4.36 -31.21 -11.68
CA GLY B 197 4.07 -30.47 -10.47
C GLY B 197 3.44 -31.37 -9.42
N ASP B 198 3.18 -30.78 -8.25
CA ASP B 198 2.64 -31.55 -7.13
C ASP B 198 1.59 -30.84 -6.29
N ASP B 199 1.36 -29.55 -6.46
CA ASP B 199 0.47 -28.81 -5.58
C ASP B 199 -0.65 -28.16 -6.38
N LEU B 200 -1.49 -27.40 -5.67
CA LEU B 200 -2.65 -26.76 -6.29
C LEU B 200 -2.23 -25.74 -7.33
N THR B 201 -1.14 -25.01 -7.10
CA THR B 201 -0.68 -24.00 -8.05
C THR B 201 -0.31 -24.62 -9.39
N ASP B 202 0.06 -25.91 -9.39
CA ASP B 202 0.47 -26.58 -10.63
C ASP B 202 -0.71 -27.06 -11.46
N GLU B 203 -1.94 -27.00 -10.94
CA GLU B 203 -3.08 -27.51 -11.68
C GLU B 203 -3.39 -26.64 -12.89
N ALA B 204 -3.18 -25.33 -12.78
CA ALA B 204 -3.39 -24.45 -13.93
C ALA B 204 -2.40 -24.77 -15.05
N GLY B 205 -1.14 -24.97 -14.69
CA GLY B 205 -0.16 -25.40 -15.69
C GLY B 205 -0.51 -26.75 -16.28
N PHE B 206 -1.01 -27.67 -15.45
CA PHE B 206 -1.51 -28.96 -15.95
C PHE B 206 -2.57 -28.75 -17.01
N GLY B 207 -3.52 -27.85 -16.75
CA GLY B 207 -4.58 -27.60 -17.71
C GLY B 207 -4.07 -27.03 -19.01
N VAL B 208 -3.20 -26.02 -18.92
CA VAL B 208 -2.63 -25.42 -20.13
C VAL B 208 -1.88 -26.48 -20.94
N VAL B 209 -1.08 -27.30 -20.27
CA VAL B 209 -0.28 -28.31 -20.96
C VAL B 209 -1.18 -29.37 -21.59
N ASN B 210 -2.25 -29.74 -20.88
CA ASN B 210 -3.17 -30.74 -21.41
C ASN B 210 -3.87 -30.22 -22.66
N HIS B 211 -4.24 -28.94 -22.68
CA HIS B 211 -4.90 -28.39 -23.86
C HIS B 211 -3.94 -28.29 -25.03
N ALA B 212 -2.67 -27.96 -24.76
CA ALA B 212 -1.70 -27.78 -25.84
C ALA B 212 -1.29 -29.10 -26.50
N GLY B 213 -1.74 -30.23 -25.98
CA GLY B 213 -1.32 -31.52 -26.50
C GLY B 213 -0.05 -32.07 -25.90
N GLY B 214 0.32 -31.62 -24.71
CA GLY B 214 1.54 -32.04 -24.07
C GLY B 214 1.34 -33.13 -23.03
N ILE B 215 2.30 -33.25 -22.13
CA ILE B 215 2.30 -34.27 -21.09
C ILE B 215 2.31 -33.58 -19.73
N SER B 216 1.30 -33.87 -18.91
CA SER B 216 1.21 -33.35 -17.55
C SER B 216 1.42 -34.49 -16.57
N VAL B 217 2.27 -34.26 -15.56
CA VAL B 217 2.63 -35.29 -14.59
C VAL B 217 2.40 -34.74 -13.18
N LYS B 218 1.55 -35.42 -12.42
CA LYS B 218 1.29 -35.08 -11.03
C LYS B 218 2.19 -35.93 -10.12
N VAL B 219 2.75 -35.29 -9.11
CA VAL B 219 3.63 -35.97 -8.15
C VAL B 219 2.88 -36.13 -6.84
N GLY B 220 2.68 -37.37 -6.43
CA GLY B 220 2.12 -37.65 -5.11
C GLY B 220 0.61 -37.74 -5.08
N VAL B 221 0.10 -37.71 -3.85
CA VAL B 221 -1.32 -37.86 -3.58
C VAL B 221 -2.04 -36.55 -3.86
N GLY B 222 -3.24 -36.64 -4.38
CA GLY B 222 -4.10 -35.48 -4.58
C GLY B 222 -4.97 -35.65 -5.81
N ALA B 223 -6.18 -35.10 -5.71
CA ALA B 223 -7.07 -35.03 -6.87
C ALA B 223 -6.47 -34.09 -7.90
N THR B 224 -6.02 -34.64 -9.02
CA THR B 224 -5.31 -33.88 -10.03
C THR B 224 -6.03 -33.96 -11.36
N GLN B 225 -5.76 -32.96 -12.21
CA GLN B 225 -6.23 -32.96 -13.58
C GLN B 225 -5.15 -33.41 -14.56
N ALA B 226 -3.95 -33.68 -14.06
CA ALA B 226 -2.88 -34.21 -14.90
C ALA B 226 -3.23 -35.60 -15.40
N ALA B 227 -2.62 -35.99 -16.52
CA ALA B 227 -2.89 -37.28 -17.13
C ALA B 227 -2.00 -38.39 -16.58
N TRP B 228 -0.82 -38.05 -16.08
CA TRP B 228 0.12 -39.02 -15.55
C TRP B 228 0.46 -38.68 -14.10
N ARG B 229 0.87 -39.71 -13.35
CA ARG B 229 1.16 -39.54 -11.94
C ARG B 229 2.42 -40.28 -11.56
N LEU B 230 3.29 -39.62 -10.80
CA LEU B 230 4.43 -40.24 -10.16
C LEU B 230 4.24 -40.21 -8.65
N GLU B 231 4.65 -41.29 -7.98
CA GLU B 231 4.30 -41.47 -6.57
C GLU B 231 5.16 -40.65 -5.62
N SER B 232 6.37 -40.26 -6.00
CA SER B 232 7.24 -39.54 -5.09
C SER B 232 8.33 -38.81 -5.88
N VAL B 233 9.10 -38.00 -5.17
CA VAL B 233 10.19 -37.21 -5.74
C VAL B 233 11.34 -38.10 -6.21
N PRO B 234 11.76 -39.13 -5.45
CA PRO B 234 12.76 -40.05 -6.01
C PRO B 234 12.31 -40.70 -7.31
N ASP B 235 11.01 -40.85 -7.52
CA ASP B 235 10.53 -41.37 -8.79
C ASP B 235 10.70 -40.36 -9.90
N VAL B 236 10.55 -39.06 -9.60
CA VAL B 236 10.90 -38.03 -10.58
C VAL B 236 12.39 -38.10 -10.90
N TRP B 237 13.22 -38.33 -9.88
CA TRP B 237 14.67 -38.46 -10.11
C TRP B 237 14.97 -39.65 -11.02
N ARG B 238 14.34 -40.80 -10.76
CA ARG B 238 14.57 -41.99 -11.57
C ARG B 238 14.07 -41.78 -13.00
N TRP B 239 12.92 -41.12 -13.15
CA TRP B 239 12.40 -40.81 -14.47
C TRP B 239 13.36 -39.91 -15.24
N LEU B 240 13.94 -38.92 -14.56
CA LEU B 240 14.92 -38.05 -15.23
C LEU B 240 16.16 -38.82 -15.64
N GLU B 241 16.67 -39.68 -14.74
CA GLU B 241 17.85 -40.47 -15.08
C GLU B 241 17.56 -41.41 -16.24
N GLN B 242 16.33 -41.91 -16.34
CA GLN B 242 15.96 -42.76 -17.48
C GLN B 242 15.84 -41.94 -18.76
N ILE B 243 15.37 -40.70 -18.66
CA ILE B 243 15.41 -39.80 -19.81
C ILE B 243 16.83 -39.64 -20.30
N ASN B 244 17.77 -39.44 -19.38
CA ASN B 244 19.15 -39.16 -19.79
C ASN B 244 19.90 -40.44 -20.15
N TYR B 245 19.84 -41.46 -19.29
CA TYR B 245 20.56 -42.71 -19.49
C TYR B 245 19.58 -43.88 -19.48
N PRO B 246 19.01 -44.24 -20.64
CA PRO B 246 18.13 -45.41 -20.74
C PRO B 246 18.91 -46.72 -20.71
C1 GLC C . -11.97 26.19 2.78
C2 GLC C . -13.18 25.36 3.17
C3 GLC C . -13.98 26.00 4.25
C4 GLC C . -13.13 26.33 5.44
C5 GLC C . -11.92 27.18 5.05
C6 GLC C . -11.03 27.34 6.27
O2 GLC C . -14.02 25.19 2.03
O3 GLC C . -15.06 25.09 4.67
O4 GLC C . -13.95 27.06 6.41
O5 GLC C . -11.15 26.58 3.96
O6 GLC C . -11.63 28.29 7.17
C1 GLC C . -11.32 28.00 1.62
C2 GLC C . -11.78 29.37 1.18
C3 GLC C . -12.66 29.31 0.00
C4 GLC C . -12.02 28.59 -1.14
C5 GLC C . -11.54 27.20 -0.73
C6 GLC C . -10.75 26.64 -1.87
O1 GLC C . -12.39 27.31 2.12
O2 GLC C . -12.50 29.96 2.27
O3 GLC C . -12.97 30.67 -0.44
O4 GLC C . -12.98 28.44 -2.23
O5 GLC C . -10.70 27.22 0.48
O6 GLC C . -9.38 26.87 -1.67
C1 GLC D . 7.13 -23.55 -1.08
C2 GLC D . 7.88 -22.23 -0.89
C3 GLC D . 6.99 -21.15 -0.42
C4 GLC D . 5.78 -20.99 -1.26
C5 GLC D . 5.03 -22.31 -1.43
C6 GLC D . 3.88 -22.12 -2.41
O2 GLC D . 8.91 -22.43 0.07
O3 GLC D . 7.75 -19.87 -0.42
O4 GLC D . 4.89 -20.01 -0.65
O5 GLC D . 5.92 -23.38 -1.93
O6 GLC D . 4.34 -22.39 -3.74
C1 GLC D . 6.63 -25.39 0.09
C2 GLC D . 5.57 -25.84 1.07
C3 GLC D . 5.99 -25.61 2.47
C4 GLC D . 7.31 -26.24 2.77
C5 GLC D . 8.39 -25.82 1.78
C6 GLC D . 9.62 -26.65 2.04
O1 GLC D . 6.75 -24.02 0.15
O2 GLC D . 4.36 -25.13 0.81
O3 GLC D . 5.00 -26.16 3.38
O4 GLC D . 7.73 -25.87 4.12
O5 GLC D . 7.98 -26.01 0.38
O6 GLC D . 9.45 -27.94 1.48
MG MG E . -4.96 27.03 4.42
CL CL F . -7.86 26.11 7.54
CL CL G . 5.02 -23.88 -5.90
MG MG H . 5.44 -28.02 -5.14
#